data_5ZI6
#
_entry.id   5ZI6
#
_cell.length_a   37.135
_cell.length_b   44.567
_cell.length_c   67.157
_cell.angle_alpha   92.430
_cell.angle_beta   90.500
_cell.angle_gamma   91.390
#
_symmetry.space_group_name_H-M   'P 1'
#
loop_
_entity.id
_entity.type
_entity.pdbx_description
1 polymer 'RNA-binding E3 ubiquitin-protein ligase MEX3C'
2 non-polymer 'ZINC ION'
3 water water
#
_entity_poly.entity_id   1
_entity_poly.type   'polypeptide(L)'
_entity_poly.pdbx_seq_one_letter_code
;KHDCVICFENEVIAALVPCGHNLFCMECANKICEKRTPSCPVCQTAVTQAIQIHS
;
_entity_poly.pdbx_strand_id   A,B,C,D,E,F,G,H
#
loop_
_chem_comp.id
_chem_comp.type
_chem_comp.name
_chem_comp.formula
ZN non-polymer 'ZINC ION' 'Zn 2'
#
# COMPACT_ATOMS: atom_id res chain seq x y z
N LYS A 1 -18.89 -23.60 -3.28
CA LYS A 1 -18.98 -24.28 -4.55
C LYS A 1 -19.77 -23.49 -5.56
N HIS A 2 -19.20 -23.32 -6.75
CA HIS A 2 -19.72 -22.37 -7.73
C HIS A 2 -20.35 -23.08 -8.93
N ASP A 3 -21.42 -22.46 -9.45
CA ASP A 3 -22.17 -22.99 -10.59
C ASP A 3 -21.86 -22.18 -11.85
N CYS A 4 -21.50 -22.88 -12.92
CA CYS A 4 -21.32 -22.30 -14.26
C CYS A 4 -22.42 -21.30 -14.57
N VAL A 5 -22.02 -20.09 -15.01
CA VAL A 5 -22.99 -19.03 -15.27
C VAL A 5 -23.74 -19.20 -16.58
N ILE A 6 -23.38 -20.19 -17.41
CA ILE A 6 -24.07 -20.40 -18.69
C ILE A 6 -25.19 -21.42 -18.48
N CYS A 7 -24.85 -22.60 -17.95
CA CYS A 7 -25.85 -23.66 -17.75
C CYS A 7 -26.43 -23.75 -16.34
N PHE A 8 -25.72 -23.25 -15.32
CA PHE A 8 -26.15 -23.43 -13.92
C PHE A 8 -26.41 -24.90 -13.57
N GLU A 9 -25.59 -25.77 -14.10
CA GLU A 9 -25.75 -27.21 -13.90
C GLU A 9 -24.46 -27.88 -13.48
N ASN A 10 -23.33 -27.46 -14.01
CA ASN A 10 -22.04 -28.04 -13.67
C ASN A 10 -21.24 -27.05 -12.85
N GLU A 11 -20.23 -27.55 -12.16
CA GLU A 11 -19.32 -26.73 -11.38
C GLU A 11 -18.44 -25.87 -12.27
N VAL A 12 -17.98 -24.75 -11.71
CA VAL A 12 -17.01 -23.91 -12.38
C VAL A 12 -15.68 -24.62 -12.37
N ILE A 13 -15.07 -24.77 -13.55
CA ILE A 13 -13.83 -25.51 -13.65
C ILE A 13 -12.84 -24.78 -14.53
N ALA A 14 -13.35 -23.87 -15.38
CA ALA A 14 -12.55 -23.35 -16.49
C ALA A 14 -12.61 -21.83 -16.51
N ALA A 15 -11.57 -21.23 -17.10
CA ALA A 15 -11.50 -19.78 -17.34
C ALA A 15 -11.19 -19.51 -18.81
N LEU A 16 -11.61 -18.34 -19.29
CA LEU A 16 -11.29 -17.93 -20.65
C LEU A 16 -10.02 -17.07 -20.69
N VAL A 17 -9.30 -17.17 -21.80
CA VAL A 17 -8.08 -16.41 -22.04
C VAL A 17 -8.32 -15.46 -23.18
N PRO A 18 -7.89 -14.19 -23.03
CA PRO A 18 -7.15 -13.68 -21.88
C PRO A 18 -7.96 -12.94 -20.80
N CYS A 19 -9.29 -12.81 -20.93
CA CYS A 19 -10.03 -12.02 -19.93
C CYS A 19 -9.98 -12.61 -18.53
N GLY A 20 -9.74 -13.93 -18.41
CA GLY A 20 -9.59 -14.57 -17.11
C GLY A 20 -10.89 -14.84 -16.37
N HIS A 21 -12.03 -14.67 -17.03
CA HIS A 21 -13.30 -14.97 -16.37
C HIS A 21 -13.40 -16.46 -16.09
N ASN A 22 -13.55 -16.77 -14.81
CA ASN A 22 -13.49 -18.14 -14.29
C ASN A 22 -14.87 -18.46 -13.74
N LEU A 23 -15.81 -18.69 -14.68
CA LEU A 23 -17.23 -18.79 -14.38
C LEU A 23 -17.91 -19.90 -15.19
N PHE A 24 -17.15 -20.85 -15.70
CA PHE A 24 -17.69 -21.78 -16.68
C PHE A 24 -17.30 -23.21 -16.32
N CYS A 25 -18.21 -24.13 -16.61
CA CYS A 25 -17.83 -25.54 -16.69
C CYS A 25 -17.01 -25.72 -17.96
N MET A 26 -16.34 -26.87 -18.06
CA MET A 26 -15.49 -27.05 -19.23
C MET A 26 -16.33 -27.24 -20.50
N GLU A 27 -17.50 -27.88 -20.40
CA GLU A 27 -18.32 -28.03 -21.61
C GLU A 27 -18.77 -26.68 -22.13
N CYS A 28 -19.25 -25.79 -21.25
CA CYS A 28 -19.70 -24.49 -21.73
C CYS A 28 -18.54 -23.66 -22.26
N ALA A 29 -17.38 -23.72 -21.60
CA ALA A 29 -16.22 -23.00 -22.09
C ALA A 29 -15.75 -23.54 -23.45
N ASN A 30 -15.72 -24.88 -23.60
CA ASN A 30 -15.40 -25.45 -24.90
C ASN A 30 -16.37 -24.95 -25.98
N LYS A 31 -17.67 -24.91 -25.66
CA LYS A 31 -18.62 -24.41 -26.65
C LYS A 31 -18.32 -22.96 -27.01
N ILE A 32 -17.85 -22.16 -26.04
CA ILE A 32 -17.47 -20.79 -26.34
C ILE A 32 -16.31 -20.75 -27.34
N CYS A 33 -15.29 -21.60 -27.15
CA CYS A 33 -14.13 -21.57 -28.04
C CYS A 33 -14.45 -22.08 -29.42
N GLU A 34 -15.38 -23.02 -29.52
CA GLU A 34 -15.66 -23.66 -30.80
C GLU A 34 -16.56 -22.82 -31.72
N LYS A 35 -17.19 -21.78 -31.18
CA LYS A 35 -17.91 -20.80 -31.99
C LYS A 35 -16.99 -20.01 -32.89
N ARG A 36 -17.58 -19.47 -33.94
CA ARG A 36 -16.79 -18.89 -35.00
C ARG A 36 -16.35 -17.46 -34.69
N THR A 37 -17.05 -16.74 -33.81
CA THR A 37 -16.52 -15.49 -33.26
C THR A 37 -16.45 -15.67 -31.75
N PRO A 38 -15.41 -16.34 -31.24
CA PRO A 38 -15.37 -16.67 -29.81
C PRO A 38 -15.27 -15.41 -28.98
N SER A 39 -16.16 -15.27 -28.01
CA SER A 39 -16.01 -14.14 -27.11
C SER A 39 -16.64 -14.48 -25.77
N CYS A 40 -16.10 -13.89 -24.72
CA CYS A 40 -16.59 -14.12 -23.38
C CYS A 40 -18.01 -13.57 -23.26
N PRO A 41 -18.99 -14.37 -22.86
CA PRO A 41 -20.36 -13.83 -22.68
C PRO A 41 -20.49 -12.79 -21.56
N VAL A 42 -19.53 -12.66 -20.66
CA VAL A 42 -19.64 -11.68 -19.57
C VAL A 42 -19.08 -10.33 -19.96
N CYS A 43 -17.87 -10.26 -20.52
CA CYS A 43 -17.25 -8.98 -20.80
C CYS A 43 -17.07 -8.72 -22.30
N GLN A 44 -17.47 -9.63 -23.17
CA GLN A 44 -17.42 -9.49 -24.62
C GLN A 44 -16.01 -9.51 -25.19
N THR A 45 -14.99 -9.81 -24.39
CA THR A 45 -13.62 -9.93 -24.90
C THR A 45 -13.47 -11.16 -25.80
N ALA A 46 -12.69 -10.99 -26.89
CA ALA A 46 -12.36 -12.11 -27.77
C ALA A 46 -11.58 -13.16 -27.00
N VAL A 47 -11.84 -14.43 -27.31
CA VAL A 47 -11.31 -15.56 -26.55
C VAL A 47 -10.32 -16.31 -27.43
N THR A 48 -9.10 -16.49 -26.94
CA THR A 48 -8.12 -17.24 -27.68
C THR A 48 -7.92 -18.67 -27.18
N GLN A 49 -8.29 -18.99 -25.94
CA GLN A 49 -8.35 -20.38 -25.48
C GLN A 49 -9.14 -20.46 -24.17
N ALA A 50 -9.52 -21.69 -23.82
CA ALA A 50 -10.18 -22.03 -22.58
C ALA A 50 -9.31 -23.06 -21.86
N ILE A 51 -9.11 -22.88 -20.55
CA ILE A 51 -8.28 -23.82 -19.78
C ILE A 51 -8.97 -24.21 -18.49
N GLN A 52 -8.68 -25.43 -18.03
CA GLN A 52 -9.11 -25.81 -16.70
C GLN A 52 -8.23 -25.12 -15.65
N ILE A 53 -8.86 -24.59 -14.63
CA ILE A 53 -8.15 -23.89 -13.56
C ILE A 53 -7.96 -24.84 -12.38
N HIS A 54 -6.76 -24.87 -11.82
CA HIS A 54 -6.44 -25.71 -10.66
C HIS A 54 -6.09 -24.82 -9.49
N SER A 55 -6.97 -24.79 -8.50
CA SER A 55 -6.74 -23.96 -7.33
C SER A 55 -6.47 -24.85 -6.13
N LYS B 1 -5.54 -13.57 2.70
CA LYS B 1 -5.05 -12.63 1.71
C LYS B 1 -3.53 -12.71 1.59
N HIS B 2 -2.95 -13.81 2.08
CA HIS B 2 -1.50 -14.03 2.05
C HIS B 2 -1.15 -15.39 1.43
N ASP B 3 -1.96 -15.89 0.49
CA ASP B 3 -1.89 -17.29 0.09
C ASP B 3 -1.06 -17.56 -1.17
N CYS B 4 -0.31 -16.59 -1.67
CA CYS B 4 0.55 -16.88 -2.82
C CYS B 4 1.61 -17.90 -2.42
N VAL B 5 1.73 -19.00 -3.18
CA VAL B 5 2.62 -20.06 -2.75
C VAL B 5 4.07 -19.69 -2.98
N ILE B 6 4.34 -18.58 -3.65
CA ILE B 6 5.72 -18.19 -3.91
C ILE B 6 6.26 -17.25 -2.82
N CYS B 7 5.57 -16.13 -2.61
CA CYS B 7 6.02 -15.14 -1.65
C CYS B 7 5.30 -15.24 -0.30
N PHE B 8 4.14 -15.88 -0.25
CA PHE B 8 3.32 -15.95 0.98
C PHE B 8 3.06 -14.58 1.58
N GLU B 9 3.00 -13.57 0.74
CA GLU B 9 2.64 -12.23 1.20
C GLU B 9 1.41 -11.67 0.53
N ASN B 10 1.24 -11.86 -0.78
CA ASN B 10 0.12 -11.30 -1.51
C ASN B 10 -0.98 -12.34 -1.71
N GLU B 11 -2.14 -11.86 -2.14
CA GLU B 11 -3.31 -12.71 -2.37
C GLU B 11 -3.26 -13.36 -3.75
N VAL B 12 -3.70 -14.63 -3.84
CA VAL B 12 -3.72 -15.33 -5.12
C VAL B 12 -4.76 -14.67 -6.04
N ILE B 13 -4.31 -14.22 -7.22
CA ILE B 13 -5.24 -13.60 -8.17
C ILE B 13 -4.95 -14.02 -9.61
N ALA B 14 -3.92 -14.85 -9.82
CA ALA B 14 -3.42 -15.11 -11.15
C ALA B 14 -3.28 -16.60 -11.39
N ALA B 15 -3.47 -17.00 -12.65
CA ALA B 15 -3.26 -18.38 -13.09
C ALA B 15 -2.32 -18.36 -14.29
N LEU B 16 -1.54 -19.43 -14.44
CA LEU B 16 -0.65 -19.58 -15.56
C LEU B 16 -1.34 -20.34 -16.67
N VAL B 17 -0.96 -20.04 -17.90
CA VAL B 17 -1.53 -20.64 -19.09
C VAL B 17 -0.39 -21.39 -19.74
N PRO B 18 -0.62 -22.64 -20.18
CA PRO B 18 -1.90 -23.34 -20.16
C PRO B 18 -2.14 -24.31 -19.00
N CYS B 19 -1.20 -24.52 -18.07
CA CYS B 19 -1.41 -25.51 -17.02
C CYS B 19 -2.57 -25.12 -16.09
N GLY B 20 -2.88 -23.83 -15.99
CA GLY B 20 -4.04 -23.40 -15.21
C GLY B 20 -3.85 -23.36 -13.71
N HIS B 21 -2.63 -23.51 -13.22
CA HIS B 21 -2.40 -23.43 -11.78
C HIS B 21 -2.62 -22.03 -11.28
N ASN B 22 -3.52 -21.90 -10.32
CA ASN B 22 -4.05 -20.65 -9.81
C ASN B 22 -3.57 -20.54 -8.36
N LEU B 23 -2.29 -20.21 -8.20
CA LEU B 23 -1.67 -20.29 -6.88
C LEU B 23 -0.76 -19.09 -6.65
N PHE B 24 -0.88 -18.05 -7.47
CA PHE B 24 0.13 -17.01 -7.53
C PHE B 24 -0.53 -15.64 -7.46
N CYS B 25 0.17 -14.70 -6.84
CA CYS B 25 -0.14 -13.29 -7.04
C CYS B 25 0.35 -12.88 -8.42
N MET B 26 -0.08 -11.68 -8.87
CA MET B 26 0.31 -11.26 -10.21
C MET B 26 1.79 -10.96 -10.30
N GLU B 27 2.38 -10.38 -9.24
CA GLU B 27 3.80 -10.07 -9.29
C GLU B 27 4.62 -11.33 -9.46
N CYS B 28 4.31 -12.37 -8.69
CA CYS B 28 5.06 -13.62 -8.82
C CYS B 28 4.77 -14.29 -10.16
N ALA B 29 3.52 -14.24 -10.65
CA ALA B 29 3.20 -14.83 -11.95
C ALA B 29 3.92 -14.10 -13.08
N ASN B 30 3.90 -12.76 -13.07
CA ASN B 30 4.67 -11.99 -14.05
C ASN B 30 6.15 -12.34 -13.99
N LYS B 31 6.71 -12.49 -12.78
CA LYS B 31 8.11 -12.89 -12.72
C LYS B 31 8.32 -14.25 -13.37
N ILE B 32 7.35 -15.15 -13.19
CA ILE B 32 7.46 -16.44 -13.85
C ILE B 32 7.50 -16.26 -15.36
N CYS B 33 6.75 -15.29 -15.88
CA CYS B 33 6.63 -15.08 -17.31
C CYS B 33 7.89 -14.52 -17.93
N GLU B 34 8.65 -13.69 -17.21
CA GLU B 34 9.84 -13.20 -17.87
C GLU B 34 11.12 -13.89 -17.41
N LYS B 35 11.02 -15.09 -16.84
CA LYS B 35 12.20 -15.92 -16.79
C LYS B 35 12.63 -16.29 -18.19
N ARG B 36 13.93 -16.58 -18.29
CA ARG B 36 14.52 -17.13 -19.50
C ARG B 36 13.66 -18.22 -20.12
N THR B 37 13.28 -19.24 -19.33
CA THR B 37 12.41 -20.33 -19.78
C THR B 37 11.18 -20.40 -18.87
N PRO B 38 10.13 -19.67 -19.20
CA PRO B 38 8.98 -19.61 -18.29
C PRO B 38 8.38 -21.01 -18.11
N SER B 39 8.28 -21.43 -16.85
CA SER B 39 7.68 -22.73 -16.58
C SER B 39 7.02 -22.70 -15.21
N CYS B 40 5.98 -23.53 -15.07
CA CYS B 40 5.23 -23.53 -13.82
C CYS B 40 6.13 -24.09 -12.73
N PRO B 41 6.31 -23.37 -11.62
CA PRO B 41 7.16 -23.91 -10.54
C PRO B 41 6.56 -25.13 -9.87
N VAL B 42 5.27 -25.39 -10.06
CA VAL B 42 4.61 -26.52 -9.44
C VAL B 42 4.70 -27.77 -10.31
N CYS B 43 4.27 -27.67 -11.57
CA CYS B 43 4.16 -28.82 -12.44
C CYS B 43 5.15 -28.81 -13.60
N GLN B 44 5.99 -27.77 -13.72
CA GLN B 44 7.03 -27.60 -14.74
C GLN B 44 6.49 -27.42 -16.16
N THR B 45 5.18 -27.31 -16.37
CA THR B 45 4.68 -27.06 -17.72
C THR B 45 5.12 -25.69 -18.21
N ALA B 46 5.48 -25.60 -19.49
CA ALA B 46 5.85 -24.33 -20.07
C ALA B 46 4.69 -23.35 -19.97
N VAL B 47 5.03 -22.07 -19.80
CA VAL B 47 4.06 -21.02 -19.55
C VAL B 47 4.11 -20.05 -20.72
N THR B 48 2.95 -19.81 -21.34
CA THR B 48 2.85 -18.88 -22.46
C THR B 48 2.31 -17.51 -22.07
N GLN B 49 1.57 -17.42 -20.95
CA GLN B 49 1.16 -16.14 -20.39
C GLN B 49 0.61 -16.39 -18.98
N ALA B 50 0.38 -15.30 -18.27
CA ALA B 50 -0.27 -15.35 -16.97
C ALA B 50 -1.52 -14.50 -17.07
N ILE B 51 -2.61 -14.94 -16.47
CA ILE B 51 -3.81 -14.11 -16.52
C ILE B 51 -4.31 -13.88 -15.11
N GLN B 52 -4.92 -12.73 -14.91
CA GLN B 52 -5.64 -12.47 -13.69
C GLN B 52 -6.97 -13.21 -13.75
N ILE B 53 -7.35 -13.83 -12.64
CA ILE B 53 -8.58 -14.61 -12.58
C ILE B 53 -9.71 -13.75 -12.04
N HIS B 54 -10.85 -13.77 -12.70
CA HIS B 54 -12.02 -13.03 -12.24
C HIS B 54 -13.14 -14.03 -12.00
N SER B 55 -13.53 -14.17 -10.74
CA SER B 55 -14.60 -15.08 -10.32
C SER B 55 -15.82 -14.31 -9.82
N LYS C 1 10.80 -2.09 19.09
CA LYS C 1 10.93 -0.77 19.69
C LYS C 1 10.40 0.32 18.76
N HIS C 2 10.67 0.19 17.47
CA HIS C 2 10.04 1.01 16.44
C HIS C 2 9.04 0.17 15.67
N ASP C 3 7.83 0.69 15.45
CA ASP C 3 6.80 -0.06 14.72
C ASP C 3 6.65 0.49 13.31
N CYS C 4 6.46 -0.42 12.36
CA CYS C 4 6.28 -0.03 10.95
C CYS C 4 5.15 0.98 10.81
N VAL C 5 5.41 2.11 10.13
CA VAL C 5 4.44 3.21 10.08
C VAL C 5 3.27 2.95 9.16
N ILE C 6 3.26 1.84 8.41
CA ILE C 6 2.16 1.51 7.50
C ILE C 6 1.19 0.57 8.22
N CYS C 7 1.71 -0.55 8.72
CA CYS C 7 0.88 -1.56 9.35
C CYS C 7 0.81 -1.45 10.86
N PHE C 8 1.81 -0.82 11.49
CA PHE C 8 1.89 -0.71 12.96
C PHE C 8 1.81 -2.08 13.63
N GLU C 9 2.28 -3.13 12.95
CA GLU C 9 2.34 -4.46 13.57
C GLU C 9 3.77 -4.98 13.67
N ASN C 10 4.49 -5.04 12.56
CA ASN C 10 5.86 -5.54 12.57
C ASN C 10 6.83 -4.41 12.89
N GLU C 11 8.02 -4.79 13.33
CA GLU C 11 9.02 -3.83 13.74
C GLU C 11 9.74 -3.30 12.50
N VAL C 12 10.09 -2.01 12.54
CA VAL C 12 10.89 -1.39 11.49
C VAL C 12 12.21 -2.10 11.31
N ILE C 13 12.52 -2.53 10.08
CA ILE C 13 13.82 -3.15 9.77
C ILE C 13 14.32 -2.73 8.39
N ALA C 14 13.55 -1.91 7.69
CA ALA C 14 13.79 -1.65 6.28
C ALA C 14 13.81 -0.16 6.01
N ALA C 15 14.54 0.23 4.96
CA ALA C 15 14.55 1.59 4.47
C ALA C 15 14.34 1.56 2.96
N LEU C 16 13.77 2.66 2.46
CA LEU C 16 13.60 2.87 1.04
C LEU C 16 14.80 3.62 0.49
N VAL C 17 15.11 3.35 -0.77
CA VAL C 17 16.21 4.01 -1.49
C VAL C 17 15.63 4.82 -2.64
N PRO C 18 16.06 6.09 -2.80
CA PRO C 18 17.10 6.82 -2.08
C PRO C 18 16.71 7.76 -0.92
N CYS C 19 15.41 7.92 -0.63
CA CYS C 19 15.03 8.88 0.41
C CYS C 19 15.50 8.46 1.78
N GLY C 20 15.72 7.16 2.00
CA GLY C 20 16.31 6.75 3.26
C GLY C 20 15.37 6.71 4.45
N HIS C 21 14.06 6.81 4.21
CA HIS C 21 13.10 6.69 5.31
C HIS C 21 13.10 5.26 5.84
N ASN C 22 13.39 5.15 7.13
CA ASN C 22 13.62 3.87 7.79
C ASN C 22 12.46 3.73 8.78
N LEU C 23 11.30 3.36 8.26
CA LEU C 23 10.04 3.37 9.00
C LEU C 23 9.19 2.17 8.63
N PHE C 24 9.76 1.15 8.03
CA PHE C 24 8.99 0.09 7.41
C PHE C 24 9.52 -1.26 7.85
N CYS C 25 8.60 -2.22 7.97
CA CYS C 25 8.96 -3.62 7.96
C CYS C 25 9.28 -4.03 6.52
N MET C 26 9.82 -5.24 6.39
CA MET C 26 10.25 -5.68 5.07
C MET C 26 9.07 -5.94 4.15
N GLU C 27 7.97 -6.47 4.69
CA GLU C 27 6.80 -6.77 3.87
C GLU C 27 6.19 -5.50 3.32
N CYS C 28 6.01 -4.48 4.16
CA CYS C 28 5.42 -3.23 3.69
C CYS C 28 6.35 -2.52 2.71
N ALA C 29 7.65 -2.53 2.95
CA ALA C 29 8.57 -1.89 2.01
C ALA C 29 8.54 -2.57 0.65
N ASN C 30 8.54 -3.91 0.63
CA ASN C 30 8.37 -4.64 -0.63
C ASN C 30 7.08 -4.26 -1.32
N LYS C 31 5.99 -4.15 -0.57
CA LYS C 31 4.74 -3.76 -1.19
C LYS C 31 4.86 -2.38 -1.80
N ILE C 32 5.62 -1.49 -1.15
CA ILE C 32 5.87 -0.18 -1.75
C ILE C 32 6.62 -0.34 -3.07
N CYS C 33 7.57 -1.27 -3.13
CA CYS C 33 8.41 -1.42 -4.32
C CYS C 33 7.63 -2.00 -5.49
N GLU C 34 6.63 -2.81 -5.21
CA GLU C 34 5.87 -3.49 -6.23
C GLU C 34 4.76 -2.62 -6.82
N LYS C 35 4.50 -1.45 -6.25
CA LYS C 35 3.54 -0.56 -6.90
C LYS C 35 4.09 -0.12 -8.24
N ARG C 36 3.20 0.43 -9.06
CA ARG C 36 3.57 0.62 -10.45
C ARG C 36 4.54 1.80 -10.59
N THR C 37 4.21 2.93 -9.95
CA THR C 37 5.14 4.00 -9.57
C THR C 37 5.47 3.94 -8.09
N PRO C 38 6.48 3.16 -7.71
CA PRO C 38 6.82 3.06 -6.29
C PRO C 38 7.29 4.41 -5.79
N SER C 39 6.73 4.84 -4.66
CA SER C 39 7.12 6.09 -4.06
C SER C 39 6.95 6.00 -2.54
N CYS C 40 7.72 6.79 -1.84
CA CYS C 40 7.69 6.79 -0.38
C CYS C 40 6.38 7.38 0.12
N PRO C 41 5.63 6.67 0.97
CA PRO C 41 4.39 7.24 1.53
C PRO C 41 4.60 8.44 2.44
N VAL C 42 5.82 8.69 2.93
CA VAL C 42 6.02 9.83 3.81
C VAL C 42 6.43 11.08 3.03
N CYS C 43 7.45 10.96 2.15
CA CYS C 43 7.96 12.11 1.44
C CYS C 43 7.67 12.09 -0.05
N GLN C 44 7.02 11.05 -0.58
CA GLN C 44 6.62 10.97 -1.98
C GLN C 44 7.79 10.85 -2.95
N THR C 45 9.01 10.68 -2.47
CA THR C 45 10.14 10.45 -3.36
C THR C 45 10.00 9.11 -4.04
N ALA C 46 10.37 9.08 -5.33
CA ALA C 46 10.37 7.84 -6.08
C ALA C 46 11.37 6.86 -5.44
N VAL C 47 11.03 5.57 -5.48
CA VAL C 47 11.75 4.51 -4.79
C VAL C 47 12.34 3.54 -5.81
N THR C 48 13.65 3.30 -5.73
CA THR C 48 14.31 2.33 -6.61
C THR C 48 14.59 1.00 -5.93
N GLN C 49 14.69 0.93 -4.61
CA GLN C 49 14.74 -0.37 -3.95
C GLN C 49 14.46 -0.22 -2.46
N ALA C 50 14.20 -1.36 -1.84
CA ALA C 50 14.03 -1.42 -0.40
C ALA C 50 15.07 -2.40 0.12
N ILE C 51 15.74 -2.03 1.20
CA ILE C 51 16.77 -2.87 1.77
C ILE C 51 16.49 -2.98 3.26
N GLN C 52 16.88 -4.10 3.84
CA GLN C 52 16.92 -4.24 5.28
C GLN C 52 18.09 -3.47 5.87
N ILE C 53 17.84 -2.73 6.95
CA ILE C 53 18.86 -1.94 7.64
C ILE C 53 19.39 -2.70 8.83
N HIS C 54 20.71 -2.71 9.01
CA HIS C 54 21.36 -3.41 10.11
C HIS C 54 22.04 -2.39 11.00
N SER C 55 21.47 -2.19 12.19
CA SER C 55 21.99 -1.24 13.15
C SER C 55 22.53 -1.98 14.36
N LYS D 1 26.65 10.46 19.34
CA LYS D 1 27.31 11.74 19.12
C LYS D 1 28.62 11.59 18.34
N HIS D 2 29.47 10.64 18.73
CA HIS D 2 30.75 10.34 18.08
C HIS D 2 30.89 8.84 17.88
N ASP D 3 29.88 8.21 17.25
CA ASP D 3 29.80 6.76 17.18
C ASP D 3 29.93 6.21 15.76
N CYS D 4 30.37 7.00 14.79
CA CYS D 4 30.77 6.45 13.50
C CYS D 4 31.93 5.50 13.70
N VAL D 5 31.80 4.28 13.16
CA VAL D 5 32.81 3.26 13.45
C VAL D 5 34.08 3.46 12.64
N ILE D 6 34.10 4.39 11.70
CA ILE D 6 35.30 4.67 10.90
C ILE D 6 36.10 5.82 11.51
N CYS D 7 35.47 6.99 11.65
CA CYS D 7 36.20 8.17 12.13
C CYS D 7 36.07 8.42 13.63
N PHE D 8 35.09 7.81 14.28
CA PHE D 8 34.86 7.98 15.72
C PHE D 8 34.68 9.43 16.14
N GLU D 9 34.17 10.30 15.29
CA GLU D 9 33.93 11.67 15.72
C GLU D 9 32.61 12.27 15.24
N ASN D 10 31.96 11.73 14.21
CA ASN D 10 30.63 12.14 13.82
C ASN D 10 29.61 11.06 14.13
N GLU D 11 28.35 11.47 14.13
CA GLU D 11 27.24 10.59 14.46
C GLU D 11 26.88 9.69 13.29
N VAL D 12 26.49 8.45 13.60
CA VAL D 12 26.03 7.53 12.56
C VAL D 12 24.74 8.10 11.98
N ILE D 13 24.71 8.29 10.66
CA ILE D 13 23.48 8.75 10.00
C ILE D 13 23.29 8.06 8.66
N ALA D 14 24.19 7.14 8.30
CA ALA D 14 24.20 6.64 6.94
C ALA D 14 24.22 5.13 6.92
N ALA D 15 23.67 4.58 5.84
CA ALA D 15 23.71 3.15 5.57
C ALA D 15 24.28 2.94 4.17
N LEU D 16 24.87 1.78 3.96
CA LEU D 16 25.33 1.39 2.65
C LEU D 16 24.26 0.59 1.94
N VAL D 17 24.24 0.72 0.63
CA VAL D 17 23.32 -0.04 -0.20
C VAL D 17 24.20 -0.98 -1.02
N PRO D 18 23.85 -2.28 -1.10
CA PRO D 18 22.65 -2.91 -0.54
C PRO D 18 22.79 -3.67 0.81
N CYS D 19 23.96 -3.74 1.41
CA CYS D 19 24.10 -4.54 2.62
C CYS D 19 23.31 -3.96 3.79
N GLY D 20 23.05 -2.65 3.78
CA GLY D 20 22.24 -1.99 4.78
C GLY D 20 22.96 -1.70 6.10
N HIS D 21 24.27 -1.92 6.18
CA HIS D 21 24.99 -1.67 7.41
C HIS D 21 24.98 -0.17 7.67
N ASN D 22 24.41 0.19 8.81
CA ASN D 22 24.03 1.55 9.19
C ASN D 22 24.92 1.93 10.36
N LEU D 23 26.17 2.25 10.05
CA LEU D 23 27.19 2.38 11.08
C LEU D 23 28.16 3.51 10.82
N PHE D 24 27.80 4.44 9.95
CA PHE D 24 28.74 5.39 9.37
C PHE D 24 28.14 6.78 9.39
N CYS D 25 29.00 7.80 9.54
CA CYS D 25 28.57 9.15 9.23
C CYS D 25 28.49 9.29 7.72
N MET D 26 27.93 10.41 7.26
CA MET D 26 27.73 10.57 5.83
C MET D 26 29.04 10.73 5.07
N GLU D 27 30.01 11.45 5.63
CA GLU D 27 31.28 11.61 4.92
C GLU D 27 32.01 10.29 4.81
N CYS D 28 32.06 9.50 5.89
CA CYS D 28 32.73 8.21 5.79
C CYS D 28 31.99 7.30 4.83
N ALA D 29 30.66 7.33 4.83
CA ALA D 29 29.89 6.53 3.88
C ALA D 29 30.15 7.01 2.44
N ASN D 30 30.12 8.33 2.24
CA ASN D 30 30.45 8.87 0.93
C ASN D 30 31.85 8.45 0.48
N LYS D 31 32.86 8.53 1.37
CA LYS D 31 34.20 8.14 0.94
C LYS D 31 34.25 6.67 0.52
N ILE D 32 33.50 5.80 1.21
CA ILE D 32 33.49 4.39 0.85
C ILE D 32 32.98 4.18 -0.57
N CYS D 33 31.96 4.95 -0.98
CA CYS D 33 31.36 4.79 -2.30
C CYS D 33 32.31 5.21 -3.40
N GLU D 34 33.18 6.13 -3.07
CA GLU D 34 33.96 6.93 -3.97
C GLU D 34 35.30 6.26 -4.29
N LYS D 35 35.62 5.17 -3.56
CA LYS D 35 36.79 4.33 -3.74
C LYS D 35 36.79 3.63 -5.09
N ARG D 36 37.94 3.02 -5.42
CA ARG D 36 38.10 2.31 -6.68
C ARG D 36 37.12 1.15 -6.77
N THR D 37 37.08 0.34 -5.73
CA THR D 37 36.16 -0.79 -5.63
C THR D 37 35.41 -0.66 -4.31
N PRO D 38 34.31 0.10 -4.29
CA PRO D 38 33.60 0.38 -3.02
C PRO D 38 33.03 -0.88 -2.40
N SER D 39 33.36 -1.11 -1.13
CA SER D 39 32.82 -2.29 -0.44
C SER D 39 32.66 -2.00 1.04
N CYS D 40 31.74 -2.72 1.68
CA CYS D 40 31.40 -2.48 3.08
C CYS D 40 32.55 -2.90 4.00
N PRO D 41 33.03 -2.02 4.88
CA PRO D 41 34.14 -2.39 5.77
C PRO D 41 33.80 -3.51 6.72
N VAL D 42 32.52 -3.81 6.96
CA VAL D 42 32.19 -4.90 7.88
C VAL D 42 32.02 -6.22 7.15
N CYS D 43 31.16 -6.26 6.12
CA CYS D 43 30.80 -7.52 5.47
C CYS D 43 31.37 -7.68 4.08
N GLN D 44 32.03 -6.65 3.55
CA GLN D 44 32.72 -6.62 2.25
C GLN D 44 31.78 -6.71 1.04
N THR D 45 30.48 -6.59 1.23
CA THR D 45 29.58 -6.56 0.09
C THR D 45 29.91 -5.33 -0.73
N ALA D 46 29.87 -5.47 -2.06
CA ALA D 46 30.09 -4.32 -2.94
C ALA D 46 29.01 -3.28 -2.66
N VAL D 47 29.39 -2.01 -2.75
CA VAL D 47 28.53 -0.91 -2.37
C VAL D 47 28.16 -0.15 -3.62
N THR D 48 26.85 0.02 -3.84
CA THR D 48 26.37 0.76 -5.01
C THR D 48 26.01 2.20 -4.69
N GLN D 49 25.63 2.49 -3.44
CA GLN D 49 25.45 3.87 -3.00
C GLN D 49 25.38 3.92 -1.47
N ALA D 50 25.42 5.13 -0.95
CA ALA D 50 25.24 5.39 0.46
C ALA D 50 24.06 6.34 0.62
N ILE D 51 23.22 6.10 1.63
CA ILE D 51 22.04 6.93 1.88
C ILE D 51 22.04 7.45 3.30
N GLN D 52 21.51 8.66 3.49
CA GLN D 52 21.22 9.12 4.84
C GLN D 52 19.96 8.42 5.32
N ILE D 53 19.95 8.00 6.58
CA ILE D 53 18.79 7.32 7.15
C ILE D 53 17.91 8.31 7.88
N HIS D 54 16.62 8.23 7.65
CA HIS D 54 15.64 9.05 8.36
C HIS D 54 14.67 8.15 9.10
N SER D 55 14.72 8.21 10.43
CA SER D 55 13.84 7.43 11.28
C SER D 55 12.86 8.38 11.98
N LYS E 1 19.15 20.08 2.72
CA LYS E 1 18.04 20.67 1.98
C LYS E 1 17.73 22.05 2.55
N HIS E 2 17.74 22.20 3.87
CA HIS E 2 17.60 23.49 4.51
C HIS E 2 18.85 23.84 5.31
N ASP E 3 19.30 25.09 5.21
CA ASP E 3 20.44 25.57 5.99
C ASP E 3 19.95 26.27 7.25
N CYS E 4 20.72 26.10 8.33
CA CYS E 4 20.41 26.74 9.61
C CYS E 4 20.30 28.25 9.43
N VAL E 5 19.21 28.83 9.96
CA VAL E 5 18.99 30.26 9.77
C VAL E 5 19.89 31.12 10.64
N ILE E 6 20.66 30.52 11.56
CA ILE E 6 21.54 31.29 12.44
C ILE E 6 22.96 31.37 11.86
N CYS E 7 23.55 30.22 11.56
CA CYS E 7 24.90 30.12 11.05
C CYS E 7 24.99 29.97 9.53
N PHE E 8 23.94 29.49 8.86
CA PHE E 8 23.97 29.19 7.42
C PHE E 8 25.07 28.21 7.04
N GLU E 9 25.47 27.38 7.96
CA GLU E 9 26.55 26.44 7.75
C GLU E 9 26.09 25.00 7.83
N ASN E 10 25.28 24.69 8.82
CA ASN E 10 24.81 23.33 9.01
C ASN E 10 23.36 23.20 8.56
N GLU E 11 23.00 21.98 8.21
CA GLU E 11 21.65 21.65 7.81
C GLU E 11 20.70 21.78 9.01
N VAL E 12 19.46 22.13 8.71
CA VAL E 12 18.40 22.21 9.71
C VAL E 12 18.00 20.80 10.19
N ILE E 13 17.99 20.57 11.51
CA ILE E 13 17.47 19.29 12.00
C ILE E 13 16.68 19.49 13.28
N ALA E 14 16.58 20.70 13.77
CA ALA E 14 16.12 20.91 15.13
C ALA E 14 14.99 21.93 15.13
N ALA E 15 14.10 21.79 16.12
CA ALA E 15 13.00 22.73 16.30
C ALA E 15 12.96 23.21 17.74
N LEU E 16 12.44 24.41 17.94
CA LEU E 16 12.28 24.93 19.27
C LEU E 16 10.85 24.65 19.77
N VAL E 17 10.73 24.44 21.08
CA VAL E 17 9.46 24.20 21.74
C VAL E 17 9.21 25.41 22.62
N PRO E 18 7.98 25.97 22.61
CA PRO E 18 6.75 25.56 21.90
C PRO E 18 6.41 26.25 20.57
N CYS E 19 7.21 27.21 20.10
CA CYS E 19 6.84 27.88 18.86
C CYS E 19 6.95 26.96 17.64
N GLY E 20 7.75 25.89 17.70
CA GLY E 20 7.81 24.97 16.58
C GLY E 20 8.63 25.45 15.39
N HIS E 21 9.37 26.54 15.53
CA HIS E 21 10.23 26.97 14.42
C HIS E 21 11.33 25.96 14.19
N ASN E 22 11.33 25.39 12.99
CA ASN E 22 12.18 24.27 12.61
C ASN E 22 13.15 24.81 11.58
N LEU E 23 14.12 25.59 12.08
CA LEU E 23 14.97 26.41 11.24
C LEU E 23 16.42 26.40 11.73
N PHE E 24 16.80 25.45 12.58
CA PHE E 24 18.09 25.50 13.26
C PHE E 24 18.80 24.17 13.15
N CYS E 25 20.13 24.23 13.05
CA CYS E 25 20.94 23.05 13.33
C CYS E 25 20.89 22.78 14.84
N MET E 26 21.33 21.59 15.24
CA MET E 26 21.22 21.27 16.65
C MET E 26 22.12 22.18 17.48
N GLU E 27 23.29 22.54 16.96
CA GLU E 27 24.22 23.35 17.74
C GLU E 27 23.63 24.72 18.03
N CYS E 28 23.11 25.37 17.00
CA CYS E 28 22.53 26.69 17.22
C CYS E 28 21.33 26.59 18.13
N ALA E 29 20.53 25.54 18.01
CA ALA E 29 19.36 25.38 18.88
C ALA E 29 19.77 25.21 20.33
N ASN E 30 20.78 24.37 20.59
CA ASN E 30 21.28 24.21 21.94
C ASN E 30 21.75 25.55 22.52
N LYS E 31 22.50 26.32 21.75
CA LYS E 31 22.98 27.61 22.24
C LYS E 31 21.82 28.54 22.58
N ILE E 32 20.73 28.46 21.80
CA ILE E 32 19.55 29.24 22.13
C ILE E 32 19.01 28.84 23.51
N CYS E 33 19.01 27.54 23.79
CA CYS E 33 18.43 27.01 25.04
C CYS E 33 19.27 27.36 26.25
N GLU E 34 20.57 27.56 26.04
CA GLU E 34 21.52 27.84 27.09
C GLU E 34 21.59 29.30 27.45
N LYS E 35 20.93 30.18 26.71
CA LYS E 35 20.89 31.59 27.09
C LYS E 35 20.21 31.71 28.45
N ARG E 36 20.47 32.85 29.11
CA ARG E 36 19.80 33.14 30.37
C ARG E 36 18.29 33.15 30.21
N THR E 37 17.79 33.87 29.20
CA THR E 37 16.36 33.93 28.87
C THR E 37 16.15 33.28 27.52
N PRO E 38 15.97 31.96 27.45
CA PRO E 38 15.89 31.31 26.12
C PRO E 38 14.71 31.83 25.33
N SER E 39 14.97 32.25 24.10
CA SER E 39 13.90 32.73 23.24
C SER E 39 14.23 32.52 21.77
N CYS E 40 13.19 32.34 20.97
CA CYS E 40 13.36 32.09 19.54
C CYS E 40 13.83 33.37 18.83
N PRO E 41 14.93 33.31 18.06
CA PRO E 41 15.36 34.51 17.30
C PRO E 41 14.44 34.88 16.15
N VAL E 42 13.55 34.01 15.71
CA VAL E 42 12.64 34.36 14.62
C VAL E 42 11.38 35.04 15.15
N CYS E 43 10.72 34.47 16.15
CA CYS E 43 9.43 34.99 16.60
C CYS E 43 9.42 35.54 18.02
N GLN E 44 10.54 35.49 18.75
CA GLN E 44 10.72 36.04 20.08
C GLN E 44 9.97 35.28 21.18
N THR E 45 9.34 34.15 20.85
CA THR E 45 8.68 33.33 21.86
C THR E 45 9.69 32.66 22.79
N ALA E 46 9.33 32.57 24.07
CA ALA E 46 10.14 31.86 25.05
C ALA E 46 10.31 30.40 24.64
N VAL E 47 11.46 29.83 24.97
CA VAL E 47 11.80 28.48 24.56
C VAL E 47 11.96 27.64 25.82
N THR E 48 11.27 26.51 25.88
CA THR E 48 11.46 25.59 27.01
C THR E 48 12.37 24.42 26.68
N GLN E 49 12.46 24.01 25.41
CA GLN E 49 13.43 23.01 24.98
C GLN E 49 13.62 23.08 23.47
N ALA E 50 14.68 22.41 23.03
CA ALA E 50 14.99 22.22 21.62
C ALA E 50 15.08 20.72 21.37
N ILE E 51 14.48 20.25 20.28
CA ILE E 51 14.47 18.84 19.97
C ILE E 51 14.92 18.61 18.54
N GLN E 52 15.48 17.43 18.31
CA GLN E 52 15.75 17.00 16.95
C GLN E 52 14.46 16.58 16.27
N ILE E 53 14.26 17.01 15.04
CA ILE E 53 13.06 16.69 14.28
C ILE E 53 13.33 15.49 13.38
N HIS E 54 12.41 14.53 13.38
CA HIS E 54 12.51 13.35 12.53
C HIS E 54 11.34 13.35 11.55
N SER E 55 11.65 13.62 10.28
CA SER E 55 10.68 13.63 9.21
C SER E 55 10.93 12.42 8.33
N LYS F 1 -0.93 16.50 0.35
CA LYS F 1 -1.98 17.18 1.10
C LYS F 1 -2.75 16.19 2.00
N HIS F 2 -2.43 14.90 1.88
CA HIS F 2 -3.08 13.83 2.64
C HIS F 2 -2.03 12.85 3.17
N ASP F 3 -0.98 13.35 3.83
CA ASP F 3 0.15 12.49 4.19
C ASP F 3 0.29 12.26 5.70
N CYS F 4 -0.67 12.70 6.53
CA CYS F 4 -0.69 12.26 7.92
C CYS F 4 -0.80 10.74 7.97
N VAL F 5 0.15 10.10 8.66
CA VAL F 5 0.20 8.64 8.65
C VAL F 5 -0.86 8.02 9.54
N ILE F 6 -1.62 8.83 10.26
CA ILE F 6 -2.69 8.32 11.11
C ILE F 6 -4.03 8.39 10.38
N CYS F 7 -4.44 9.59 9.97
CA CYS F 7 -5.75 9.76 9.35
C CYS F 7 -5.71 9.69 7.82
N PHE F 8 -4.54 9.80 7.20
CA PHE F 8 -4.39 9.74 5.75
C PHE F 8 -5.22 10.82 5.04
N GLU F 9 -5.62 11.87 5.74
CA GLU F 9 -6.56 12.82 5.15
C GLU F 9 -6.08 14.26 5.24
N ASN F 10 -5.32 14.60 6.28
CA ASN F 10 -4.80 15.94 6.47
C ASN F 10 -3.29 15.96 6.28
N GLU F 11 -2.77 17.16 5.98
CA GLU F 11 -1.35 17.34 5.75
C GLU F 11 -0.56 17.20 7.06
N VAL F 12 0.62 16.57 6.97
CA VAL F 12 1.57 16.52 8.09
C VAL F 12 1.97 17.94 8.48
N ILE F 13 1.79 18.31 9.75
CA ILE F 13 2.22 19.65 10.20
C ILE F 13 2.75 19.66 11.62
N ALA F 14 2.78 18.51 12.27
CA ALA F 14 3.04 18.48 13.71
C ALA F 14 4.10 17.46 14.01
N ALA F 15 4.82 17.67 15.11
CA ALA F 15 5.78 16.72 15.64
C ALA F 15 5.46 16.47 17.11
N LEU F 16 5.82 15.30 17.60
CA LEU F 16 5.65 14.98 19.00
C LEU F 16 6.91 15.37 19.78
N VAL F 17 6.71 15.73 21.04
CA VAL F 17 7.81 16.10 21.94
C VAL F 17 7.93 15.07 23.05
N PRO F 18 9.15 14.57 23.33
CA PRO F 18 10.44 14.94 22.74
C PRO F 18 11.06 14.07 21.61
N CYS F 19 10.44 12.96 21.18
CA CYS F 19 11.07 12.15 20.14
C CYS F 19 11.16 12.89 18.80
N GLY F 20 10.35 13.92 18.60
CA GLY F 20 10.46 14.73 17.41
C GLY F 20 9.88 14.12 16.15
N HIS F 21 9.16 13.01 16.24
CA HIS F 21 8.59 12.42 15.05
C HIS F 21 7.54 13.35 14.50
N ASN F 22 7.75 13.75 13.24
CA ASN F 22 7.03 14.80 12.54
C ASN F 22 6.25 14.15 11.39
N LEU F 23 5.15 13.48 11.75
CA LEU F 23 4.47 12.59 10.81
C LEU F 23 2.96 12.71 10.93
N PHE F 24 2.47 13.79 11.52
CA PHE F 24 1.10 13.88 11.97
C PHE F 24 0.47 15.20 11.58
N CYS F 25 -0.83 15.18 11.30
CA CYS F 25 -1.60 16.41 11.31
C CYS F 25 -1.84 16.84 12.76
N MET F 26 -2.32 18.07 12.94
CA MET F 26 -2.47 18.55 14.31
C MET F 26 -3.55 17.79 15.07
N GLU F 27 -4.63 17.38 14.41
CA GLU F 27 -5.69 16.66 15.11
C GLU F 27 -5.19 15.30 15.61
N CYS F 28 -4.47 14.53 14.78
CA CYS F 28 -3.97 13.24 15.26
C CYS F 28 -2.90 13.42 16.34
N ALA F 29 -2.04 14.43 16.20
CA ALA F 29 -1.06 14.70 17.25
C ALA F 29 -1.76 15.05 18.56
N ASN F 30 -2.78 15.93 18.49
CA ASN F 30 -3.58 16.26 19.67
C ASN F 30 -4.18 15.01 20.30
N LYS F 31 -4.74 14.13 19.47
CA LYS F 31 -5.36 12.91 20.00
C LYS F 31 -4.35 12.02 20.69
N ILE F 32 -3.11 11.99 20.21
CA ILE F 32 -2.08 11.23 20.91
C ILE F 32 -1.90 11.78 22.33
N CYS F 33 -1.96 13.11 22.47
CA CYS F 33 -1.71 13.75 23.76
C CYS F 33 -2.84 13.57 24.76
N GLU F 34 -4.07 13.39 24.27
CA GLU F 34 -5.27 13.28 25.11
C GLU F 34 -5.47 11.88 25.65
N LYS F 35 -4.68 10.94 25.15
CA LYS F 35 -4.63 9.56 25.61
C LYS F 35 -4.22 9.45 27.07
N ARG F 36 -4.61 8.32 27.68
CA ARG F 36 -4.31 8.06 29.07
C ARG F 36 -2.80 8.08 29.31
N THR F 37 -2.04 7.43 28.43
CA THR F 37 -0.59 7.36 28.52
C THR F 37 -0.04 7.72 27.15
N PRO F 38 0.14 9.01 26.85
CA PRO F 38 0.52 9.42 25.50
C PRO F 38 1.88 8.86 25.10
N SER F 39 1.93 8.25 23.93
CA SER F 39 3.20 7.73 23.44
C SER F 39 3.22 7.77 21.93
N CYS F 40 4.42 7.87 21.36
CA CYS F 40 4.56 7.96 19.91
C CYS F 40 4.18 6.63 19.28
N PRO F 41 3.23 6.60 18.34
CA PRO F 41 2.90 5.33 17.70
C PRO F 41 4.04 4.72 16.91
N VAL F 42 5.06 5.50 16.55
CA VAL F 42 6.18 4.94 15.80
C VAL F 42 7.26 4.40 16.73
N CYS F 43 7.75 5.21 17.66
CA CYS F 43 8.91 4.82 18.44
C CYS F 43 8.60 4.52 19.90
N GLN F 44 7.35 4.71 20.35
CA GLN F 44 6.87 4.37 21.69
C GLN F 44 7.45 5.23 22.81
N THR F 45 8.17 6.31 22.50
CA THR F 45 8.63 7.23 23.52
C THR F 45 7.42 7.95 24.12
N ALA F 46 7.48 8.19 25.44
CA ALA F 46 6.45 8.96 26.12
C ALA F 46 6.37 10.34 25.51
N VAL F 47 5.18 10.90 25.43
CA VAL F 47 4.94 12.19 24.77
C VAL F 47 4.50 13.21 25.81
N THR F 48 5.20 14.35 25.88
CA THR F 48 4.84 15.40 26.81
C THR F 48 4.06 16.55 26.18
N GLN F 49 4.19 16.78 24.88
CA GLN F 49 3.31 17.70 24.16
C GLN F 49 3.49 17.49 22.66
N ALA F 50 2.64 18.14 21.88
CA ALA F 50 2.73 18.17 20.42
C ALA F 50 2.82 19.62 19.96
N ILE F 51 3.67 19.89 18.94
CA ILE F 51 3.84 21.25 18.44
C ILE F 51 3.59 21.29 16.95
N GLN F 52 3.06 22.42 16.46
CA GLN F 52 3.01 22.68 15.04
C GLN F 52 4.39 23.10 14.56
N ILE F 53 4.85 22.51 13.47
CA ILE F 53 6.17 22.77 12.93
C ILE F 53 6.08 23.86 11.88
N HIS F 54 6.95 24.86 11.99
CA HIS F 54 7.05 25.97 11.04
C HIS F 54 8.45 25.96 10.42
N SER F 55 8.52 25.67 9.13
CA SER F 55 9.78 25.64 8.42
C SER F 55 9.91 26.82 7.45
N LYS G 1 -6.64 -0.89 -16.04
CA LYS G 1 -7.94 -0.27 -16.26
C LYS G 1 -8.61 0.04 -14.92
N HIS G 2 -8.79 1.35 -14.67
CA HIS G 2 -9.53 1.95 -13.56
C HIS G 2 -8.73 2.08 -12.26
N ASP G 3 -8.26 3.29 -11.97
CA ASP G 3 -7.53 3.58 -10.75
C ASP G 3 -8.47 4.08 -9.64
N CYS G 4 -8.04 3.86 -8.41
CA CYS G 4 -8.79 4.30 -7.24
C CYS G 4 -8.83 5.82 -7.18
N VAL G 5 -10.03 6.39 -7.02
CA VAL G 5 -10.19 7.83 -7.08
C VAL G 5 -9.69 8.54 -5.83
N ILE G 6 -9.26 7.81 -4.79
CA ILE G 6 -8.72 8.39 -3.56
C ILE G 6 -7.20 8.46 -3.66
N CYS G 7 -6.57 7.32 -3.91
CA CYS G 7 -5.11 7.28 -3.97
C CYS G 7 -4.54 7.38 -5.37
N PHE G 8 -5.29 7.02 -6.41
CA PHE G 8 -4.77 6.99 -7.79
C PHE G 8 -3.50 6.18 -7.91
N GLU G 9 -3.36 5.14 -7.09
CA GLU G 9 -2.21 4.25 -7.18
C GLU G 9 -2.56 2.78 -7.12
N ASN G 10 -3.74 2.42 -6.67
CA ASN G 10 -4.19 1.05 -6.74
C ASN G 10 -5.37 0.95 -7.68
N GLU G 11 -5.60 -0.27 -8.17
CA GLU G 11 -6.71 -0.56 -9.06
C GLU G 11 -8.01 -0.56 -8.27
N VAL G 12 -9.10 -0.20 -8.96
CA VAL G 12 -10.43 -0.23 -8.35
C VAL G 12 -10.83 -1.68 -8.15
N ILE G 13 -11.23 -2.04 -6.92
CA ILE G 13 -11.71 -3.40 -6.68
C ILE G 13 -12.94 -3.44 -5.79
N ALA G 14 -13.34 -2.30 -5.21
CA ALA G 14 -14.31 -2.32 -4.12
C ALA G 14 -15.41 -1.30 -4.37
N ALA G 15 -16.59 -1.56 -3.79
CA ALA G 15 -17.72 -0.65 -3.84
C ALA G 15 -18.25 -0.38 -2.44
N LEU G 16 -18.85 0.79 -2.28
CA LEU G 16 -19.51 1.12 -1.02
C LEU G 16 -20.98 0.78 -1.11
N VAL G 17 -21.55 0.41 0.04
CA VAL G 17 -22.97 0.07 0.20
C VAL G 17 -23.65 1.09 1.11
N PRO G 18 -24.81 1.60 0.71
CA PRO G 18 -25.61 1.26 -0.46
C PRO G 18 -25.49 2.15 -1.71
N CYS G 19 -24.69 3.21 -1.71
CA CYS G 19 -24.66 4.09 -2.88
C CYS G 19 -24.12 3.39 -4.13
N GLY G 20 -23.35 2.32 -3.99
CA GLY G 20 -22.89 1.54 -5.14
C GLY G 20 -21.71 2.11 -5.88
N HIS G 21 -21.06 3.14 -5.35
CA HIS G 21 -19.89 3.68 -6.04
C HIS G 21 -18.74 2.68 -5.99
N ASN G 22 -18.25 2.30 -7.17
CA ASN G 22 -17.25 1.26 -7.36
C ASN G 22 -16.01 1.94 -7.92
N LEU G 23 -15.31 2.66 -7.05
CA LEU G 23 -14.28 3.58 -7.48
C LEU G 23 -13.07 3.51 -6.55
N PHE G 24 -12.95 2.41 -5.79
CA PHE G 24 -12.00 2.37 -4.68
C PHE G 24 -11.21 1.08 -4.69
N CYS G 25 -9.92 1.17 -4.32
CA CYS G 25 -9.18 -0.01 -3.89
C CYS G 25 -9.69 -0.42 -2.51
N MET G 26 -9.35 -1.64 -2.09
CA MET G 26 -9.90 -2.11 -0.82
C MET G 26 -9.31 -1.33 0.35
N GLU G 27 -8.05 -0.91 0.24
CA GLU G 27 -7.41 -0.19 1.33
C GLU G 27 -8.13 1.14 1.58
N CYS G 28 -8.39 1.88 0.51
CA CYS G 28 -9.05 3.18 0.63
C CYS G 28 -10.51 3.02 1.04
N ALA G 29 -11.21 2.00 0.55
CA ALA G 29 -12.59 1.80 0.96
C ALA G 29 -12.68 1.47 2.45
N ASN G 30 -11.79 0.59 2.93
CA ASN G 30 -11.75 0.29 4.36
C ASN G 30 -11.55 1.54 5.17
N LYS G 31 -10.67 2.44 4.75
CA LYS G 31 -10.45 3.67 5.52
C LYS G 31 -11.72 4.50 5.60
N ILE G 32 -12.53 4.50 4.53
CA ILE G 32 -13.82 5.16 4.57
C ILE G 32 -14.71 4.51 5.63
N CYS G 33 -14.69 3.17 5.71
CA CYS G 33 -15.54 2.45 6.66
C CYS G 33 -15.09 2.63 8.10
N GLU G 34 -13.79 2.82 8.33
CA GLU G 34 -13.25 2.93 9.67
C GLU G 34 -13.33 4.34 10.25
N LYS G 35 -13.64 5.38 9.46
CA LYS G 35 -13.80 6.69 10.08
C LYS G 35 -15.04 6.67 10.99
N ARG G 36 -15.26 7.79 11.68
CA ARG G 36 -16.29 7.77 12.71
C ARG G 36 -17.70 7.93 12.15
N THR G 37 -17.86 8.74 11.10
CA THR G 37 -19.14 8.89 10.40
C THR G 37 -18.87 8.48 8.96
N PRO G 38 -18.90 7.18 8.67
CA PRO G 38 -18.50 6.70 7.35
C PRO G 38 -19.43 7.24 6.27
N SER G 39 -18.85 7.87 5.26
CA SER G 39 -19.63 8.37 4.14
C SER G 39 -18.77 8.39 2.88
N CYS G 40 -19.45 8.26 1.75
CA CYS G 40 -18.80 8.21 0.43
C CYS G 40 -18.22 9.57 0.08
N PRO G 41 -16.94 9.65 -0.31
CA PRO G 41 -16.38 10.94 -0.73
C PRO G 41 -16.97 11.50 -2.02
N VAL G 42 -17.67 10.70 -2.85
CA VAL G 42 -18.24 11.22 -4.09
C VAL G 42 -19.68 11.74 -3.90
N CYS G 43 -20.56 10.95 -3.31
CA CYS G 43 -21.98 11.32 -3.24
C CYS G 43 -22.48 11.61 -1.84
N GLN G 44 -21.62 11.52 -0.83
CA GLN G 44 -21.91 11.86 0.55
C GLN G 44 -22.91 10.91 1.21
N THR G 45 -23.35 9.86 0.56
CA THR G 45 -24.26 8.93 1.20
C THR G 45 -23.56 8.23 2.35
N ALA G 46 -24.31 7.98 3.42
CA ALA G 46 -23.79 7.19 4.52
C ALA G 46 -23.45 5.79 4.02
N VAL G 47 -22.39 5.22 4.59
CA VAL G 47 -21.80 3.95 4.17
C VAL G 47 -22.02 2.94 5.28
N THR G 48 -22.65 1.81 4.96
CA THR G 48 -22.82 0.77 5.96
C THR G 48 -21.84 -0.38 5.80
N GLN G 49 -21.29 -0.58 4.60
CA GLN G 49 -20.18 -1.53 4.44
C GLN G 49 -19.55 -1.27 3.08
N ALA G 50 -18.36 -1.86 2.91
CA ALA G 50 -17.63 -1.88 1.65
C ALA G 50 -17.36 -3.33 1.29
N ILE G 51 -17.52 -3.68 0.01
CA ILE G 51 -17.34 -5.04 -0.46
C ILE G 51 -16.43 -5.07 -1.68
N GLN G 52 -15.74 -6.18 -1.85
CA GLN G 52 -15.04 -6.43 -3.10
C GLN G 52 -16.03 -6.77 -4.20
N ILE G 53 -15.83 -6.22 -5.37
CA ILE G 53 -16.73 -6.47 -6.49
C ILE G 53 -16.10 -7.49 -7.41
N HIS G 54 -16.90 -8.47 -7.85
CA HIS G 54 -16.42 -9.49 -8.78
C HIS G 54 -17.21 -9.36 -10.07
N SER G 55 -16.55 -8.87 -11.10
CA SER G 55 -17.21 -8.60 -12.38
C SER G 55 -16.77 -9.54 -13.48
N LYS H 1 -26.59 -3.27 -24.43
CA LYS H 1 -25.87 -4.54 -24.23
C LYS H 1 -26.82 -5.74 -24.22
N HIS H 2 -26.48 -6.72 -23.38
CA HIS H 2 -27.30 -7.89 -23.04
C HIS H 2 -26.48 -8.93 -22.26
N ASP H 3 -25.75 -8.50 -21.24
CA ASP H 3 -24.79 -9.37 -20.57
C ASP H 3 -25.22 -9.86 -19.18
N CYS H 4 -26.46 -9.59 -18.74
CA CYS H 4 -26.94 -10.21 -17.50
C CYS H 4 -26.89 -11.73 -17.62
N VAL H 5 -26.27 -12.41 -16.64
CA VAL H 5 -26.12 -13.85 -16.80
C VAL H 5 -27.42 -14.60 -16.56
N ILE H 6 -28.47 -13.92 -16.11
CA ILE H 6 -29.74 -14.60 -15.85
C ILE H 6 -30.65 -14.52 -17.07
N CYS H 7 -30.97 -13.30 -17.50
CA CYS H 7 -31.88 -13.12 -18.62
C CYS H 7 -31.16 -12.93 -19.95
N PHE H 8 -29.88 -12.55 -19.92
CA PHE H 8 -29.09 -12.30 -21.14
C PHE H 8 -29.83 -11.35 -22.08
N GLU H 9 -30.53 -10.40 -21.50
CA GLU H 9 -31.22 -9.37 -22.26
C GLU H 9 -30.89 -7.96 -21.83
N ASN H 10 -30.83 -7.69 -20.54
CA ASN H 10 -30.48 -6.35 -20.08
C ASN H 10 -28.99 -6.25 -19.73
N GLU H 11 -28.53 -5.01 -19.65
CA GLU H 11 -27.16 -4.69 -19.26
C GLU H 11 -26.92 -5.04 -17.79
N VAL H 12 -25.67 -5.42 -17.47
CA VAL H 12 -25.27 -5.60 -16.07
C VAL H 12 -25.11 -4.24 -15.41
N ILE H 13 -25.84 -3.99 -14.31
CA ILE H 13 -25.69 -2.72 -13.59
C ILE H 13 -25.73 -2.95 -12.08
N ALA H 14 -25.81 -4.20 -11.63
CA ALA H 14 -26.12 -4.53 -10.23
C ALA H 14 -25.13 -5.53 -9.67
N ALA H 15 -24.92 -5.44 -8.35
CA ALA H 15 -24.12 -6.38 -7.61
C ALA H 15 -24.90 -6.88 -6.40
N LEU H 16 -24.58 -8.09 -5.96
CA LEU H 16 -25.18 -8.63 -4.75
C LEU H 16 -24.28 -8.36 -3.55
N VAL H 17 -24.91 -8.16 -2.40
CA VAL H 17 -24.19 -7.88 -1.18
C VAL H 17 -24.45 -9.08 -0.29
N PRO H 18 -23.40 -9.65 0.33
CA PRO H 18 -22.00 -9.24 0.35
C PRO H 18 -21.04 -9.96 -0.62
N CYS H 19 -21.55 -10.92 -1.41
CA CYS H 19 -20.62 -11.65 -2.28
C CYS H 19 -20.00 -10.75 -3.33
N GLY H 20 -20.68 -9.66 -3.71
CA GLY H 20 -20.14 -8.68 -4.65
C GLY H 20 -20.17 -9.12 -6.10
N HIS H 21 -20.82 -10.24 -6.42
CA HIS H 21 -20.85 -10.70 -7.80
C HIS H 21 -21.68 -9.72 -8.61
N ASN H 22 -21.05 -9.14 -9.62
CA ASN H 22 -21.60 -8.01 -10.37
C ASN H 22 -21.86 -8.50 -11.79
N LEU H 23 -22.95 -9.26 -11.93
CA LEU H 23 -23.21 -9.99 -13.16
C LEU H 23 -24.69 -9.93 -13.54
N PHE H 24 -25.45 -9.01 -12.96
CA PHE H 24 -26.90 -9.05 -13.03
C PHE H 24 -27.42 -7.66 -13.40
N CYS H 25 -28.51 -7.62 -14.18
CA CYS H 25 -29.29 -6.41 -14.30
C CYS H 25 -30.09 -6.19 -13.02
N MET H 26 -30.68 -5.00 -12.88
CA MET H 26 -31.41 -4.72 -11.65
C MET H 26 -32.67 -5.56 -11.52
N GLU H 27 -33.37 -5.83 -12.63
CA GLU H 27 -34.58 -6.64 -12.54
C GLU H 27 -34.28 -8.04 -12.06
N CYS H 28 -33.23 -8.67 -12.59
CA CYS H 28 -32.89 -10.02 -12.12
C CYS H 28 -32.37 -9.99 -10.69
N ALA H 29 -31.59 -8.98 -10.32
CA ALA H 29 -31.06 -8.92 -8.95
C ALA H 29 -32.17 -8.74 -7.93
N ASN H 30 -33.13 -7.85 -8.22
CA ASN H 30 -34.29 -7.70 -7.36
C ASN H 30 -35.05 -9.01 -7.21
N LYS H 31 -35.24 -9.75 -8.30
CA LYS H 31 -35.94 -11.03 -8.19
C LYS H 31 -35.18 -11.99 -7.30
N ILE H 32 -33.84 -11.95 -7.35
CA ILE H 32 -33.03 -12.73 -6.43
C ILE H 32 -33.32 -12.33 -4.99
N CYS H 33 -33.51 -11.02 -4.76
CA CYS H 33 -33.77 -10.52 -3.41
C CYS H 33 -35.16 -10.88 -2.91
N GLU H 34 -36.13 -11.03 -3.80
CA GLU H 34 -37.48 -11.38 -3.41
C GLU H 34 -37.69 -12.88 -3.27
N LYS H 35 -36.68 -13.68 -3.56
CA LYS H 35 -36.80 -15.11 -3.30
C LYS H 35 -37.02 -15.32 -1.81
N ARG H 36 -37.64 -16.44 -1.44
CA ARG H 36 -37.84 -16.70 -0.02
C ARG H 36 -36.51 -16.77 0.71
N THR H 37 -35.49 -17.37 0.09
CA THR H 37 -34.21 -17.59 0.76
C THR H 37 -33.21 -16.96 -0.20
N PRO H 38 -33.07 -15.63 -0.19
CA PRO H 38 -32.26 -14.98 -1.23
C PRO H 38 -30.81 -15.44 -1.18
N SER H 39 -30.31 -15.94 -2.31
CA SER H 39 -28.91 -16.35 -2.38
C SER H 39 -28.39 -16.13 -3.80
N CYS H 40 -27.08 -15.95 -3.89
CA CYS H 40 -26.42 -15.70 -5.16
C CYS H 40 -26.52 -16.95 -6.05
N PRO H 41 -27.03 -16.84 -7.27
CA PRO H 41 -27.08 -18.02 -8.15
C PRO H 41 -25.72 -18.54 -8.59
N VAL H 42 -24.64 -17.78 -8.42
CA VAL H 42 -23.32 -18.22 -8.84
C VAL H 42 -22.64 -18.96 -7.71
N CYS H 43 -22.52 -18.32 -6.54
CA CYS H 43 -21.74 -18.86 -5.43
C CYS H 43 -22.58 -19.30 -4.24
N GLN H 44 -23.90 -19.13 -4.31
CA GLN H 44 -24.86 -19.54 -3.26
C GLN H 44 -24.75 -18.75 -1.97
N THR H 45 -23.91 -17.71 -1.91
CA THR H 45 -23.85 -16.92 -0.68
C THR H 45 -25.18 -16.24 -0.44
N ALA H 46 -25.57 -16.16 0.83
CA ALA H 46 -26.79 -15.46 1.18
C ALA H 46 -26.67 -13.99 0.78
N VAL H 47 -27.80 -13.41 0.39
CA VAL H 47 -27.85 -12.07 -0.17
C VAL H 47 -28.66 -11.19 0.77
N THR H 48 -28.08 -10.08 1.21
CA THR H 48 -28.82 -9.17 2.07
C THR H 48 -29.41 -8.00 1.33
N GLN H 49 -28.82 -7.63 0.20
CA GLN H 49 -29.43 -6.63 -0.66
C GLN H 49 -28.72 -6.69 -2.00
N ALA H 50 -29.31 -6.03 -2.98
CA ALA H 50 -28.72 -5.86 -4.28
C ALA H 50 -28.52 -4.38 -4.47
N ILE H 51 -27.36 -3.98 -4.98
CA ILE H 51 -27.08 -2.57 -5.18
C ILE H 51 -26.71 -2.35 -6.62
N GLN H 52 -27.06 -1.16 -7.12
CA GLN H 52 -26.63 -0.67 -8.42
C GLN H 52 -25.20 -0.17 -8.32
N ILE H 53 -24.38 -0.55 -9.27
CA ILE H 53 -22.99 -0.17 -9.27
C ILE H 53 -22.83 1.08 -10.13
N HIS H 54 -22.09 2.05 -9.61
CA HIS H 54 -21.78 3.30 -10.31
C HIS H 54 -20.29 3.40 -10.47
N SER H 55 -19.81 3.27 -11.72
CA SER H 55 -18.38 3.31 -12.03
C SER H 55 -17.94 4.56 -12.77
ZN ZN I . -21.82 -24.90 -18.03
ZN ZN J . -14.51 -12.25 -19.80
ZN ZN K . 3.57 -13.90 -4.81
ZN ZN L . 1.35 -25.64 -13.39
ZN ZN M . 4.70 -2.99 7.92
ZN ZN N . 10.81 9.01 2.04
ZN ZN O . 32.65 8.92 9.94
ZN ZN P . 27.83 -4.36 5.10
ZN ZN Q . 23.41 26.62 13.02
ZN ZN R . 9.86 30.79 16.96
ZN ZN S . -4.09 12.95 11.20
ZN ZN T . 8.45 9.03 18.08
ZN ZN U . -6.97 3.72 -3.00
ZN ZN V . -21.33 7.10 -3.30
ZN ZN W . -22.04 -14.45 -5.48
ZN ZN X . -31.26 -9.84 -16.02
#